data_7WG2
#
_entry.id   7WG2
#
_cell.length_a   86.600
_cell.length_b   86.600
_cell.length_c   161.110
_cell.angle_alpha   90.000
_cell.angle_beta   90.000
_cell.angle_gamma   90.000
#
_symmetry.space_group_name_H-M   'P 43 21 2'
#
loop_
_entity.id
_entity.type
_entity.pdbx_description
1 polymer Arginyltransferase
2 non-polymer 'ZINC ION'
3 water water
#
_entity_poly.entity_id   1
_entity_poly.type   'polypeptide(L)'
_entity_poly.pdbx_seq_one_letter_code
;EVAAMDFTDKLIISRPLYISDNADPKCGYCNGKKDSSHKFASPGWSDFYKGDEDKVELQSSTVGFNSELVNAETYDKLCN
LGFRRSGSFMYKTDMLRNCCRLYTIRTNEKYLTMSKELKTSLKRFKKKITSPEFKPQPKYVSWIDELCDYEPKSTSFKAV
FEPAEFTDEKYDLYVRYQHYIHSDEDNTPSQFESFLCDTPFTDSEITGTEKEWEQLNNWHNLQPGERVTKNGPAHECYYH
NGKLIALSVLDFLPSGVSSVYFIWDPDYYDWSLGKVSALRELALVSKIGRPYYYLGYYIDDCPKMNYKAKFGGEILDVCN
QKYVPLSKIHQIIKHNELFVGLNSTVASPDSEILITSASDKINFDEPFINAVDDIYGPNGNASQNAITSVAKLRKYGINY
SPDLQRSIYKEIPNDGNSTSSASSDKKDVYRIPNVVPGLVPLMEIVSLFESGKMNELNNNVVLFDTKINALRIVRDFISE
KPEIKTVITDVIRLIGLDNTKKAIIII
;
_entity_poly.pdbx_strand_id   A
#
loop_
_chem_comp.id
_chem_comp.type
_chem_comp.name
_chem_comp.formula
ZN non-polymer 'ZINC ION' 'Zn 2'
#
# COMPACT_ATOMS: atom_id res chain seq x y z
N MET A 5 15.33 5.40 25.53
CA MET A 5 14.59 5.56 24.22
C MET A 5 13.98 4.20 23.88
N ASP A 6 12.69 4.21 23.51
CA ASP A 6 11.89 2.99 23.37
C ASP A 6 11.81 2.67 21.89
N PHE A 7 12.77 1.88 21.41
CA PHE A 7 12.79 1.63 19.98
C PHE A 7 11.55 0.89 19.49
N THR A 8 10.74 0.31 20.39
CA THR A 8 9.47 -0.30 20.03
C THR A 8 8.42 0.72 19.61
N ASP A 9 8.68 2.00 19.84
CA ASP A 9 7.75 3.06 19.48
C ASP A 9 8.30 3.96 18.36
N LYS A 10 9.26 3.49 17.60
CA LYS A 10 9.97 4.35 16.67
C LYS A 10 9.83 3.84 15.25
N LEU A 11 9.78 4.78 14.32
CA LEU A 11 9.90 4.49 12.90
C LEU A 11 11.29 4.92 12.46
N ILE A 12 12.16 3.97 12.16
CA ILE A 12 13.52 4.29 11.79
C ILE A 12 13.62 4.20 10.27
N ILE A 13 13.95 5.32 9.62
CA ILE A 13 13.92 5.38 8.16
C ILE A 13 15.09 6.14 7.60
N SER A 14 15.41 5.84 6.35
CA SER A 14 16.41 6.57 5.59
C SER A 14 15.74 7.76 4.89
N ARG A 15 16.55 8.65 4.33
CA ARG A 15 15.96 9.81 3.68
C ARG A 15 15.19 9.38 2.43
N PRO A 16 14.15 10.13 2.08
CA PRO A 16 13.30 9.70 0.96
C PRO A 16 13.98 9.85 -0.40
N LEU A 17 13.46 9.05 -1.36
CA LEU A 17 13.91 8.95 -2.73
C LEU A 17 12.73 9.12 -3.68
N TYR A 18 12.94 9.84 -4.77
CA TYR A 18 11.95 9.95 -5.86
C TYR A 18 12.63 9.36 -7.09
N ILE A 19 12.11 8.25 -7.60
CA ILE A 19 12.74 7.47 -8.68
C ILE A 19 11.79 7.42 -9.87
N SER A 20 12.22 7.95 -11.02
CA SER A 20 11.39 8.05 -12.21
C SER A 20 12.20 7.61 -13.42
N ASP A 21 11.57 6.83 -14.31
CA ASP A 21 12.21 6.50 -15.57
C ASP A 21 11.12 6.07 -16.54
N ASN A 22 11.52 5.81 -17.77
CA ASN A 22 10.56 5.45 -18.82
C ASN A 22 9.72 4.24 -18.41
N ALA A 23 8.40 4.35 -18.62
CA ALA A 23 7.53 3.24 -18.26
C ALA A 23 7.80 2.01 -19.13
N ASP A 24 8.20 2.23 -20.37
CA ASP A 24 8.74 1.17 -21.19
C ASP A 24 10.24 1.16 -20.95
N PRO A 25 10.80 0.20 -20.20
CA PRO A 25 10.20 -1.03 -19.65
C PRO A 25 9.97 -1.07 -18.16
N LYS A 26 10.19 0.04 -17.45
CA LYS A 26 10.15 0.01 -15.98
C LYS A 26 8.81 -0.47 -15.43
N CYS A 27 7.69 -0.11 -16.06
CA CYS A 27 6.38 -0.48 -15.50
C CYS A 27 6.02 -1.91 -15.91
N GLY A 28 5.92 -2.80 -14.94
CA GLY A 28 5.53 -4.15 -15.24
C GLY A 28 4.04 -4.35 -15.38
N TYR A 29 3.24 -3.30 -15.13
CA TYR A 29 1.80 -3.42 -15.34
C TYR A 29 1.41 -3.15 -16.78
N CYS A 30 1.95 -2.11 -17.40
CA CYS A 30 1.56 -1.67 -18.74
C CYS A 30 2.72 -1.69 -19.72
N ASN A 31 3.96 -1.82 -19.24
CA ASN A 31 5.13 -1.85 -20.11
C ASN A 31 5.21 -0.58 -20.97
N GLY A 32 4.62 0.49 -20.49
CA GLY A 32 4.63 1.74 -21.20
C GLY A 32 3.65 1.81 -22.36
N LYS A 33 2.73 0.85 -22.47
CA LYS A 33 1.83 0.75 -23.63
C LYS A 33 0.41 1.11 -23.23
N LYS A 34 -0.06 2.26 -23.71
CA LYS A 34 -1.42 2.72 -23.46
C LYS A 34 -2.04 3.29 -24.72
N ASP A 35 -3.36 3.09 -24.84
CA ASP A 35 -4.14 3.84 -25.80
C ASP A 35 -4.20 5.31 -25.38
N SER A 36 -4.37 6.20 -26.36
CA SER A 36 -4.53 7.60 -26.01
C SER A 36 -5.63 7.81 -24.97
N SER A 37 -6.70 7.00 -25.01
CA SER A 37 -7.82 7.15 -24.09
C SER A 37 -7.47 6.80 -22.64
N HIS A 38 -6.37 6.06 -22.40
CA HIS A 38 -5.93 5.70 -21.06
C HIS A 38 -4.61 6.34 -20.66
N LYS A 39 -4.05 7.20 -21.49
CA LYS A 39 -2.66 7.62 -21.32
C LYS A 39 -2.46 8.69 -20.24
N PHE A 40 -3.43 9.57 -20.04
CA PHE A 40 -3.25 10.75 -19.21
C PHE A 40 -4.02 10.63 -17.90
N ALA A 41 -3.66 11.49 -16.94
CA ALA A 41 -4.30 11.42 -15.62
C ALA A 41 -5.72 11.98 -15.59
N SER A 42 -6.11 12.82 -16.54
CA SER A 42 -7.41 13.49 -16.44
C SER A 42 -7.86 13.92 -17.82
N PRO A 43 -9.14 14.27 -17.99
CA PRO A 43 -9.60 14.82 -19.28
C PRO A 43 -8.89 16.11 -19.68
N GLY A 44 -8.53 16.97 -18.72
CA GLY A 44 -7.85 18.20 -19.08
C GLY A 44 -6.46 17.98 -19.66
N TRP A 45 -5.74 16.98 -19.13
CA TRP A 45 -4.44 16.63 -19.70
C TRP A 45 -4.60 15.94 -21.04
N SER A 46 -5.64 15.11 -21.20
CA SER A 46 -5.93 14.55 -22.51
C SER A 46 -6.19 15.65 -23.54
N ASP A 47 -6.98 16.65 -23.15
CA ASP A 47 -7.28 17.75 -24.07
C ASP A 47 -6.01 18.55 -24.38
N PHE A 48 -5.17 18.78 -23.37
CA PHE A 48 -3.91 19.50 -23.59
C PHE A 48 -3.11 18.87 -24.72
N TYR A 49 -3.14 17.53 -24.82
CA TYR A 49 -2.36 16.81 -25.82
C TYR A 49 -3.18 16.27 -26.97
N LYS A 50 -4.43 16.72 -27.15
CA LYS A 50 -5.24 16.21 -28.23
C LYS A 50 -4.52 16.38 -29.56
N GLY A 51 -4.49 15.31 -30.36
CA GLY A 51 -3.78 15.30 -31.63
C GLY A 51 -2.28 15.26 -31.51
N ASP A 52 -1.74 15.34 -30.29
CA ASP A 52 -0.30 15.34 -30.04
C ASP A 52 0.08 14.26 -29.03
N GLU A 53 -0.75 13.24 -28.86
CA GLU A 53 -0.52 12.27 -27.79
C GLU A 53 0.82 11.55 -27.97
N ASP A 54 1.28 11.45 -29.23
CA ASP A 54 2.51 10.73 -29.56
C ASP A 54 3.77 11.38 -29.01
N LYS A 55 3.73 12.65 -28.60
CA LYS A 55 4.96 13.31 -28.17
C LYS A 55 5.25 13.11 -26.69
N VAL A 56 4.40 12.38 -25.97
CA VAL A 56 4.58 12.13 -24.54
C VAL A 56 5.21 10.76 -24.34
N GLU A 57 6.26 10.70 -23.54
CA GLU A 57 6.85 9.43 -23.14
C GLU A 57 6.43 9.12 -21.71
N LEU A 58 5.61 8.09 -21.54
CA LEU A 58 5.11 7.75 -20.22
C LEU A 58 6.26 7.37 -19.29
N GLN A 59 6.19 7.87 -18.05
CA GLN A 59 7.16 7.56 -17.00
C GLN A 59 6.50 6.71 -15.93
N SER A 60 7.31 5.90 -15.25
CA SER A 60 6.89 5.18 -14.07
C SER A 60 7.71 5.74 -12.91
N SER A 61 7.03 6.15 -11.86
CA SER A 61 7.70 6.93 -10.82
C SER A 61 7.16 6.61 -9.45
N THR A 62 8.08 6.44 -8.50
CA THR A 62 7.73 6.16 -7.13
C THR A 62 8.48 7.10 -6.19
N VAL A 63 7.93 7.21 -5.00
CA VAL A 63 8.54 7.98 -3.92
C VAL A 63 8.43 7.12 -2.68
N GLY A 64 9.46 7.16 -1.84
CA GLY A 64 9.39 6.34 -0.65
C GLY A 64 10.70 6.42 0.12
N PHE A 65 10.83 5.50 1.06
CA PHE A 65 11.98 5.54 1.95
C PHE A 65 12.21 4.13 2.47
N ASN A 66 13.47 3.80 2.69
CA ASN A 66 13.77 2.52 3.32
C ASN A 66 13.51 2.58 4.83
N SER A 67 12.97 1.50 5.38
CA SER A 67 12.74 1.38 6.82
C SER A 67 13.74 0.39 7.42
N GLU A 68 14.37 0.79 8.52
CA GLU A 68 15.14 -0.14 9.34
C GLU A 68 14.32 -0.77 10.44
N LEU A 69 13.28 -0.08 10.89
CA LEU A 69 12.44 -0.54 11.99
C LEU A 69 11.09 0.15 11.87
N VAL A 70 10.03 -0.64 11.94
CA VAL A 70 8.65 -0.16 11.93
C VAL A 70 7.84 -1.13 12.77
N ASN A 71 6.85 -0.63 13.49
CA ASN A 71 5.90 -1.50 14.18
C ASN A 71 4.59 -1.61 13.39
N ALA A 72 3.77 -2.58 13.79
CA ALA A 72 2.55 -2.88 13.02
C ALA A 72 1.56 -1.71 12.99
N GLU A 73 1.37 -1.01 14.12
CA GLU A 73 0.45 0.13 14.12
C GLU A 73 0.93 1.23 13.16
N THR A 74 2.23 1.46 13.09
CA THR A 74 2.75 2.47 12.19
C THR A 74 2.64 2.04 10.74
N TYR A 75 2.90 0.75 10.46
CA TYR A 75 2.76 0.29 9.07
C TYR A 75 1.28 0.34 8.66
N ASP A 76 0.37 0.06 9.59
CA ASP A 76 -1.06 0.24 9.33
C ASP A 76 -1.35 1.67 8.89
N LYS A 77 -0.82 2.67 9.61
CA LYS A 77 -0.96 4.05 9.18
C LYS A 77 -0.38 4.29 7.80
N LEU A 78 0.80 3.71 7.51
CA LEU A 78 1.42 3.90 6.21
C LEU A 78 0.56 3.30 5.09
N CYS A 79 0.01 2.09 5.33
CA CYS A 79 -0.89 1.49 4.33
C CYS A 79 -2.08 2.41 4.05
N ASN A 80 -2.62 3.01 5.09
CA ASN A 80 -3.78 3.87 4.99
C ASN A 80 -3.45 5.30 4.54
N LEU A 81 -2.16 5.58 4.30
CA LEU A 81 -1.71 6.74 3.55
C LEU A 81 -1.39 6.42 2.09
N GLY A 82 -1.53 5.17 1.68
CA GLY A 82 -1.30 4.79 0.29
C GLY A 82 0.04 4.12 0.02
N PHE A 83 0.83 3.84 1.04
CA PHE A 83 2.11 3.19 0.88
C PHE A 83 1.94 1.67 0.90
N ARG A 84 2.93 0.98 0.31
CA ARG A 84 3.10 -0.45 0.50
C ARG A 84 4.57 -0.73 0.77
N ARG A 85 4.86 -1.80 1.52
CA ARG A 85 6.24 -2.21 1.64
C ARG A 85 6.62 -3.21 0.55
N SER A 86 7.82 -3.01 0.01
CA SER A 86 8.50 -3.93 -0.88
C SER A 86 9.75 -4.32 -0.10
N GLY A 87 9.67 -5.46 0.58
CA GLY A 87 10.63 -5.81 1.60
C GLY A 87 10.59 -4.77 2.71
N SER A 88 11.70 -4.04 2.87
CA SER A 88 11.81 -2.99 3.87
C SER A 88 11.55 -1.60 3.30
N PHE A 89 11.33 -1.48 2.00
CA PHE A 89 11.20 -0.18 1.36
C PHE A 89 9.72 0.19 1.27
N MET A 90 9.37 1.32 1.89
CA MET A 90 8.02 1.86 1.92
C MET A 90 7.87 2.76 0.71
N TYR A 91 6.94 2.45 -0.19
CA TYR A 91 6.84 3.28 -1.38
C TYR A 91 5.38 3.52 -1.79
N LYS A 92 5.24 4.48 -2.69
CA LYS A 92 3.97 4.70 -3.40
C LYS A 92 4.30 5.28 -4.77
N THR A 93 3.36 5.17 -5.72
CA THR A 93 3.59 5.84 -6.99
C THR A 93 3.20 7.33 -6.88
N ASP A 94 3.74 8.12 -7.81
CA ASP A 94 3.29 9.50 -8.03
C ASP A 94 2.05 9.39 -8.88
N MET A 95 0.86 9.58 -8.29
CA MET A 95 -0.38 9.33 -9.04
C MET A 95 -0.62 10.35 -10.13
N LEU A 96 0.03 11.50 -10.07
CA LEU A 96 -0.16 12.47 -11.12
C LEU A 96 0.67 12.11 -12.36
N ARG A 97 1.89 11.63 -12.16
CA ARG A 97 2.79 11.45 -13.27
C ARG A 97 2.94 10.00 -13.72
N ASN A 98 2.55 9.04 -12.89
CA ASN A 98 2.76 7.64 -13.23
C ASN A 98 1.92 7.20 -14.44
N CYS A 99 2.48 6.26 -15.20
CA CYS A 99 1.78 5.70 -16.36
C CYS A 99 0.44 5.09 -15.95
N CYS A 100 0.44 4.35 -14.85
CA CYS A 100 -0.72 3.61 -14.36
C CYS A 100 -1.23 4.24 -13.08
N ARG A 101 -2.55 4.26 -12.94
CA ARG A 101 -3.20 4.79 -11.73
C ARG A 101 -3.39 3.64 -10.74
N LEU A 102 -2.64 3.69 -9.64
CA LEU A 102 -2.68 2.68 -8.60
C LEU A 102 -3.48 3.22 -7.41
N TYR A 103 -4.47 2.46 -6.96
CA TYR A 103 -5.27 2.83 -5.81
C TYR A 103 -5.13 1.76 -4.74
N THR A 104 -5.01 2.20 -3.49
CA THR A 104 -5.06 1.27 -2.36
C THR A 104 -6.49 0.77 -2.19
N ILE A 105 -6.66 -0.55 -2.05
CA ILE A 105 -7.98 -1.16 -1.92
C ILE A 105 -8.05 -1.97 -0.62
N ARG A 106 -9.22 -1.93 0.02
CA ARG A 106 -9.44 -2.82 1.16
C ARG A 106 -10.88 -3.32 1.17
N THR A 107 -11.09 -4.48 1.75
CA THR A 107 -12.42 -5.08 1.70
C THR A 107 -12.64 -5.91 2.95
N ASN A 108 -13.75 -6.64 2.97
CA ASN A 108 -14.09 -7.55 4.06
C ASN A 108 -15.30 -8.38 3.63
N GLU A 109 -15.70 -9.32 4.49
CA GLU A 109 -16.80 -10.20 4.14
C GLU A 109 -18.09 -9.43 3.92
N LYS A 110 -18.26 -8.27 4.57
CA LYS A 110 -19.45 -7.46 4.33
C LYS A 110 -19.51 -6.97 2.88
N TYR A 111 -18.40 -6.41 2.38
CA TYR A 111 -18.35 -5.98 0.99
C TYR A 111 -18.37 -7.17 0.04
N LEU A 112 -17.88 -8.32 0.48
CA LEU A 112 -17.76 -9.46 -0.41
C LEU A 112 -19.13 -9.91 -0.88
N THR A 113 -19.30 -10.03 -2.20
CA THR A 113 -20.49 -10.66 -2.78
C THR A 113 -20.03 -11.96 -3.45
N MET A 114 -20.23 -13.09 -2.74
CA MET A 114 -19.78 -14.40 -3.21
C MET A 114 -20.40 -14.74 -4.55
N SER A 115 -19.57 -14.79 -5.59
CA SER A 115 -20.01 -15.08 -6.94
C SER A 115 -20.07 -16.59 -7.21
N LYS A 116 -20.69 -16.96 -8.34
CA LYS A 116 -20.70 -18.37 -8.74
C LYS A 116 -19.27 -18.92 -8.85
N GLU A 117 -18.38 -18.15 -9.50
CA GLU A 117 -16.97 -18.51 -9.62
C GLU A 117 -16.31 -18.80 -8.27
N LEU A 118 -16.52 -17.90 -7.31
CA LEU A 118 -15.89 -18.04 -6.01
C LEU A 118 -16.48 -19.22 -5.26
N LYS A 119 -17.81 -19.39 -5.32
CA LYS A 119 -18.42 -20.53 -4.65
C LYS A 119 -17.89 -21.83 -5.21
N THR A 120 -17.67 -21.87 -6.52
CA THR A 120 -17.15 -23.08 -7.16
C THR A 120 -15.75 -23.38 -6.66
N SER A 121 -14.92 -22.35 -6.48
CA SER A 121 -13.55 -22.58 -5.99
C SER A 121 -13.57 -23.19 -4.61
N LEU A 122 -14.47 -22.75 -3.72
CA LEU A 122 -14.55 -23.35 -2.40
C LEU A 122 -15.14 -24.75 -2.46
N LYS A 123 -16.17 -24.96 -3.29
CA LYS A 123 -16.74 -26.29 -3.42
C LYS A 123 -15.69 -27.30 -3.89
N ARG A 124 -14.89 -26.93 -4.88
CA ARG A 124 -13.83 -27.82 -5.35
C ARG A 124 -12.76 -28.01 -4.28
N PHE A 125 -12.44 -26.96 -3.52
CA PHE A 125 -11.46 -27.09 -2.45
C PHE A 125 -11.95 -28.05 -1.38
N LYS A 126 -13.20 -27.90 -0.97
CA LYS A 126 -13.75 -28.82 0.01
C LYS A 126 -13.59 -30.26 -0.45
N LYS A 127 -13.89 -30.53 -1.72
CA LYS A 127 -13.83 -31.89 -2.24
C LYS A 127 -12.40 -32.42 -2.24
N LYS A 128 -11.43 -31.57 -2.60
CA LYS A 128 -10.06 -32.03 -2.71
C LYS A 128 -9.47 -32.43 -1.36
N ILE A 129 -9.98 -31.88 -0.25
CA ILE A 129 -9.32 -32.07 1.05
C ILE A 129 -10.19 -32.81 2.06
N THR A 130 -11.38 -33.23 1.69
CA THR A 130 -12.32 -33.79 2.65
C THR A 130 -12.54 -35.28 2.39
N SER A 131 -12.61 -36.05 3.47
CA SER A 131 -12.85 -37.47 3.33
C SER A 131 -14.34 -37.75 3.17
N PRO A 132 -14.71 -38.81 2.44
CA PRO A 132 -16.14 -39.17 2.38
C PRO A 132 -16.72 -39.46 3.75
N GLU A 133 -15.87 -39.91 4.68
CA GLU A 133 -16.28 -40.11 6.06
C GLU A 133 -16.77 -38.82 6.70
N PHE A 134 -16.37 -37.65 6.16
CA PHE A 134 -16.76 -36.39 6.76
C PHE A 134 -18.27 -36.28 6.85
N LYS A 135 -18.77 -35.91 8.01
CA LYS A 135 -20.19 -35.78 8.26
C LYS A 135 -20.54 -34.30 8.38
N PRO A 136 -21.25 -33.71 7.41
CA PRO A 136 -21.51 -32.27 7.46
C PRO A 136 -22.38 -31.88 8.65
N GLN A 137 -22.24 -30.63 9.06
CA GLN A 137 -23.13 -30.04 10.05
C GLN A 137 -24.54 -29.92 9.45
N PRO A 138 -25.59 -29.97 10.30
CA PRO A 138 -26.96 -29.87 9.74
C PRO A 138 -27.18 -28.61 8.92
N LYS A 139 -26.62 -27.49 9.35
CA LYS A 139 -26.69 -26.27 8.56
C LYS A 139 -25.52 -25.38 8.93
N TYR A 140 -25.21 -24.45 8.03
CA TYR A 140 -24.13 -23.49 8.19
C TYR A 140 -24.70 -22.10 7.97
N VAL A 141 -24.48 -21.20 8.94
CA VAL A 141 -24.93 -19.83 8.76
C VAL A 141 -24.32 -19.23 7.50
N SER A 142 -23.08 -19.61 7.19
CA SER A 142 -22.29 -18.89 6.20
C SER A 142 -21.17 -19.79 5.71
N TRP A 143 -20.61 -19.42 4.56
CA TRP A 143 -19.47 -20.17 4.01
C TRP A 143 -18.30 -20.19 4.99
N ILE A 144 -18.19 -19.17 5.85
CA ILE A 144 -17.06 -19.09 6.76
C ILE A 144 -17.16 -20.21 7.79
N ASP A 145 -18.35 -20.39 8.37
CA ASP A 145 -18.53 -21.48 9.32
C ASP A 145 -18.35 -22.83 8.66
N GLU A 146 -18.71 -22.96 7.39
CA GLU A 146 -18.52 -24.23 6.70
C GLU A 146 -17.04 -24.53 6.54
N LEU A 147 -16.29 -23.57 6.02
CA LEU A 147 -14.85 -23.72 5.89
C LEU A 147 -14.22 -24.07 7.23
N CYS A 148 -14.62 -23.36 8.28
CA CYS A 148 -14.01 -23.54 9.58
C CYS A 148 -14.36 -24.88 10.20
N ASP A 149 -15.36 -25.57 9.65
CA ASP A 149 -15.69 -26.91 10.09
C ASP A 149 -14.84 -27.95 9.37
N TYR A 150 -14.90 -27.98 8.04
CA TYR A 150 -14.25 -29.07 7.33
C TYR A 150 -12.73 -28.91 7.24
N GLU A 151 -12.20 -27.68 7.10
CA GLU A 151 -10.77 -27.57 6.86
C GLU A 151 -9.94 -28.16 8.01
N PRO A 152 -10.21 -27.83 9.28
CA PRO A 152 -9.37 -28.39 10.36
C PRO A 152 -9.49 -29.90 10.50
N LYS A 153 -10.57 -30.51 9.98
CA LYS A 153 -10.75 -31.96 10.04
C LYS A 153 -10.08 -32.71 8.91
N SER A 154 -9.58 -32.02 7.89
CA SER A 154 -8.88 -32.71 6.82
C SER A 154 -7.64 -33.38 7.36
N THR A 155 -7.36 -34.58 6.85
CA THR A 155 -6.12 -35.27 7.17
C THR A 155 -5.07 -35.14 6.08
N SER A 156 -5.44 -34.67 4.88
CA SER A 156 -4.49 -34.53 3.80
C SER A 156 -4.03 -33.09 3.59
N PHE A 157 -4.82 -32.10 4.01
CA PHE A 157 -4.47 -30.69 3.84
C PHE A 157 -4.29 -30.05 5.21
N LYS A 158 -3.17 -29.34 5.40
CA LYS A 158 -2.94 -28.58 6.61
C LYS A 158 -2.27 -27.26 6.27
N ALA A 159 -2.73 -26.19 6.89
CA ALA A 159 -2.12 -24.88 6.78
C ALA A 159 -1.55 -24.49 8.13
N VAL A 160 -0.37 -23.87 8.14
CA VAL A 160 0.37 -23.55 9.35
C VAL A 160 0.91 -22.13 9.26
N PHE A 161 0.52 -21.28 10.20
CA PHE A 161 1.15 -19.97 10.39
C PHE A 161 2.45 -20.10 11.16
N GLU A 162 3.48 -19.37 10.73
CA GLU A 162 4.78 -19.38 11.39
C GLU A 162 5.50 -18.07 11.06
N PRO A 163 6.61 -17.82 11.72
CA PRO A 163 7.39 -16.62 11.41
C PRO A 163 7.82 -16.56 9.94
N ALA A 164 7.96 -15.32 9.47
CA ALA A 164 8.29 -15.02 8.07
C ALA A 164 9.79 -15.14 7.87
N GLU A 165 10.25 -16.39 7.89
CA GLU A 165 11.68 -16.71 7.86
C GLU A 165 12.03 -17.54 6.64
N PHE A 166 13.21 -17.27 6.07
CA PHE A 166 13.73 -18.02 4.94
C PHE A 166 13.93 -19.50 5.24
N THR A 167 13.51 -20.34 4.28
CA THR A 167 13.94 -21.73 4.21
C THR A 167 14.19 -22.09 2.77
N ASP A 168 15.08 -23.07 2.56
CA ASP A 168 15.36 -23.54 1.21
C ASP A 168 14.10 -24.09 0.56
N GLU A 169 13.25 -24.74 1.35
CA GLU A 169 12.00 -25.29 0.83
C GLU A 169 11.08 -24.19 0.30
N LYS A 170 10.99 -23.07 1.00
CA LYS A 170 10.15 -21.96 0.53
C LYS A 170 10.75 -21.32 -0.73
N TYR A 171 12.07 -21.14 -0.72
CA TYR A 171 12.74 -20.55 -1.88
C TYR A 171 12.53 -21.40 -3.13
N ASP A 172 12.64 -22.72 -3.02
CA ASP A 172 12.50 -23.55 -4.21
C ASP A 172 11.09 -23.45 -4.78
N LEU A 173 10.08 -23.40 -3.91
CA LEU A 173 8.71 -23.19 -4.36
C LEU A 173 8.55 -21.83 -5.06
N TYR A 174 9.18 -20.79 -4.51
CA TYR A 174 9.13 -19.46 -5.11
C TYR A 174 9.73 -19.46 -6.51
N VAL A 175 10.90 -20.08 -6.70
CA VAL A 175 11.50 -20.06 -8.03
C VAL A 175 10.58 -20.77 -9.03
N ARG A 176 9.96 -21.88 -8.62
CA ARG A 176 9.04 -22.58 -9.51
C ARG A 176 7.82 -21.75 -9.85
N TYR A 177 7.28 -21.02 -8.87
CA TYR A 177 6.11 -20.17 -9.16
C TYR A 177 6.50 -18.99 -10.04
N GLN A 178 7.63 -18.34 -9.75
CA GLN A 178 8.05 -17.20 -10.55
C GLN A 178 8.33 -17.61 -12.00
N HIS A 179 9.06 -18.71 -12.19
CA HIS A 179 9.28 -19.21 -13.55
C HIS A 179 7.94 -19.38 -14.26
N TYR A 180 6.95 -19.87 -13.53
CA TYR A 180 5.65 -20.12 -14.14
C TYR A 180 4.89 -18.82 -14.47
N ILE A 181 5.04 -17.76 -13.69
CA ILE A 181 4.39 -16.48 -14.04
C ILE A 181 5.35 -15.59 -14.84
N HIS A 182 6.42 -16.19 -15.39
CA HIS A 182 7.35 -15.56 -16.30
C HIS A 182 8.16 -14.45 -15.66
N SER A 183 8.86 -14.86 -14.61
CA SER A 183 10.07 -14.24 -14.09
C SER A 183 11.08 -15.41 -14.07
N ASP A 184 11.77 -15.65 -15.18
CA ASP A 184 12.73 -16.74 -15.28
C ASP A 184 14.09 -16.40 -14.69
N GLU A 185 14.27 -15.18 -14.19
CA GLU A 185 15.55 -14.72 -13.65
C GLU A 185 15.22 -13.79 -12.49
N ASP A 186 16.19 -12.97 -12.08
CA ASP A 186 16.01 -12.02 -10.98
C ASP A 186 15.38 -12.67 -9.75
N ASN A 187 15.66 -13.97 -9.52
CA ASN A 187 15.15 -14.68 -8.35
C ASN A 187 16.35 -15.31 -7.63
N THR A 188 17.08 -14.55 -6.99
CA THR A 188 18.14 -15.12 -6.17
C THR A 188 17.59 -15.42 -4.79
N PRO A 189 18.30 -16.22 -4.01
CA PRO A 189 17.94 -16.36 -2.58
C PRO A 189 17.84 -15.02 -1.87
N SER A 190 18.75 -14.09 -2.19
CA SER A 190 18.77 -12.79 -1.50
C SER A 190 17.55 -11.97 -1.87
N GLN A 191 17.11 -12.07 -3.12
CA GLN A 191 15.94 -11.30 -3.55
C GLN A 191 14.68 -11.87 -2.91
N PHE A 192 14.58 -13.20 -2.82
CA PHE A 192 13.45 -13.80 -2.11
C PHE A 192 13.49 -13.44 -0.65
N GLU A 193 14.67 -13.50 -0.04
CA GLU A 193 14.79 -13.17 1.38
C GLU A 193 14.33 -11.76 1.64
N SER A 194 14.82 -10.81 0.84
CA SER A 194 14.49 -9.41 1.04
C SER A 194 13.01 -9.14 0.81
N PHE A 195 12.45 -9.74 -0.23
CA PHE A 195 11.07 -9.47 -0.63
C PHE A 195 10.07 -10.07 0.35
N LEU A 196 10.28 -11.33 0.79
CA LEU A 196 9.26 -12.04 1.55
C LEU A 196 9.67 -12.48 2.93
N CYS A 197 10.93 -12.28 3.31
CA CYS A 197 11.47 -12.61 4.64
C CYS A 197 12.18 -11.35 5.15
N ASP A 198 13.02 -11.51 6.15
CA ASP A 198 13.89 -10.45 6.65
C ASP A 198 13.21 -9.08 6.75
N THR A 199 12.08 -9.05 7.43
CA THR A 199 11.21 -7.89 7.46
C THR A 199 11.72 -6.82 8.41
N PRO A 200 11.18 -5.61 8.31
CA PRO A 200 11.62 -4.47 9.12
C PRO A 200 10.89 -4.32 10.44
N PHE A 201 10.14 -5.33 10.86
CA PHE A 201 9.29 -5.20 12.03
C PHE A 201 10.08 -5.46 13.31
N THR A 202 9.44 -5.19 14.45
CA THR A 202 10.10 -5.40 15.73
C THR A 202 10.31 -6.89 15.99
N ASP A 203 11.22 -7.19 16.90
CA ASP A 203 11.55 -8.57 17.20
C ASP A 203 10.33 -9.35 17.66
N SER A 204 9.50 -8.73 18.50
CA SER A 204 8.32 -9.42 19.02
C SER A 204 7.32 -9.69 17.90
N GLU A 205 7.21 -8.77 16.97
CA GLU A 205 6.29 -8.92 15.85
C GLU A 205 6.75 -9.99 14.86
N ILE A 206 8.07 -10.21 14.74
CA ILE A 206 8.59 -11.25 13.86
C ILE A 206 8.49 -12.63 14.51
N THR A 207 9.03 -12.75 15.71
CA THR A 207 9.24 -14.03 16.38
C THR A 207 8.03 -14.45 17.20
N GLY A 208 7.41 -13.50 17.89
CA GLY A 208 6.28 -13.77 18.77
C GLY A 208 6.64 -14.75 19.87
N THR A 209 5.67 -15.58 20.21
CA THR A 209 5.79 -16.58 21.26
C THR A 209 5.12 -17.85 20.76
N GLU A 210 5.51 -18.97 21.37
CA GLU A 210 4.90 -20.25 21.03
C GLU A 210 3.38 -20.19 21.21
N LYS A 211 2.93 -19.54 22.28
CA LYS A 211 1.49 -19.45 22.55
C LYS A 211 0.77 -18.57 21.53
N GLU A 212 1.43 -17.50 21.08
CA GLU A 212 0.79 -16.62 20.11
C GLU A 212 0.56 -17.34 18.77
N TRP A 213 1.53 -18.12 18.31
CA TRP A 213 1.34 -18.85 17.07
C TRP A 213 0.32 -19.97 17.24
N GLU A 214 0.36 -20.64 18.40
CA GLU A 214 -0.64 -21.66 18.66
C GLU A 214 -2.05 -21.08 18.59
N GLN A 215 -2.23 -19.91 19.21
CA GLN A 215 -3.54 -19.25 19.21
C GLN A 215 -3.96 -18.92 17.79
N LEU A 216 -3.05 -18.37 17.01
CA LEU A 216 -3.38 -18.04 15.62
C LEU A 216 -3.67 -19.29 14.80
N ASN A 217 -2.99 -20.41 15.08
CA ASN A 217 -3.22 -21.60 14.29
C ASN A 217 -4.51 -22.33 14.65
N ASN A 218 -5.23 -21.88 15.68
CA ASN A 218 -6.58 -22.37 15.94
C ASN A 218 -7.62 -21.30 15.64
N TRP A 219 -7.36 -20.45 14.63
CA TRP A 219 -8.30 -19.36 14.35
C TRP A 219 -9.66 -19.86 13.88
N HIS A 220 -9.72 -21.05 13.26
CA HIS A 220 -11.01 -21.58 12.79
C HIS A 220 -12.04 -21.66 13.90
N ASN A 221 -11.61 -21.88 15.14
CA ASN A 221 -12.53 -22.12 16.25
C ASN A 221 -12.72 -20.90 17.14
N LEU A 222 -12.26 -19.74 16.71
CA LEU A 222 -12.56 -18.50 17.42
C LEU A 222 -14.07 -18.22 17.40
N GLN A 223 -14.59 -17.78 18.54
CA GLN A 223 -15.99 -17.41 18.74
C GLN A 223 -16.17 -15.91 18.56
N PRO A 224 -17.37 -15.47 18.21
CA PRO A 224 -17.58 -14.03 18.02
C PRO A 224 -17.11 -13.24 19.23
N GLY A 225 -16.36 -12.18 18.96
CA GLY A 225 -15.83 -11.34 20.01
C GLY A 225 -14.45 -11.70 20.50
N GLU A 226 -13.95 -12.91 20.24
CA GLU A 226 -12.57 -13.13 20.62
C GLU A 226 -11.63 -12.55 19.55
N ARG A 227 -10.39 -12.38 19.95
CA ARG A 227 -9.36 -11.78 19.13
C ARG A 227 -8.11 -12.65 19.21
N VAL A 228 -7.10 -12.27 18.45
CA VAL A 228 -5.78 -12.86 18.56
C VAL A 228 -4.82 -11.71 18.81
N THR A 229 -3.73 -12.00 19.49
CA THR A 229 -2.76 -10.99 19.81
C THR A 229 -1.77 -10.75 18.67
N LYS A 230 -1.69 -11.64 17.69
CA LYS A 230 -0.66 -11.50 16.66
C LYS A 230 -0.77 -10.17 15.92
N ASN A 231 0.37 -9.46 15.83
CA ASN A 231 0.55 -8.37 14.89
C ASN A 231 1.91 -8.59 14.21
N GLY A 232 2.06 -8.04 13.01
CA GLY A 232 3.32 -8.14 12.33
C GLY A 232 3.29 -9.21 11.26
N PRO A 233 4.44 -9.52 10.69
CA PRO A 233 4.50 -10.42 9.53
C PRO A 233 4.37 -11.89 9.90
N ALA A 234 3.91 -12.67 8.91
CA ALA A 234 3.74 -14.10 9.05
C ALA A 234 3.83 -14.78 7.69
N HIS A 235 4.18 -16.07 7.74
CA HIS A 235 4.02 -16.98 6.62
C HIS A 235 2.93 -17.99 6.97
N GLU A 236 2.06 -18.27 6.02
CA GLU A 236 1.12 -19.38 6.15
C GLU A 236 1.54 -20.41 5.10
N CYS A 237 2.02 -21.55 5.56
CA CYS A 237 2.42 -22.64 4.69
C CYS A 237 1.25 -23.59 4.47
N TYR A 238 1.00 -23.95 3.21
CA TYR A 238 -0.03 -24.93 2.85
C TYR A 238 0.65 -26.26 2.57
N TYR A 239 0.21 -27.33 3.23
CA TYR A 239 0.76 -28.65 3.02
C TYR A 239 -0.31 -29.61 2.53
N HIS A 240 0.01 -30.35 1.47
CA HIS A 240 -0.80 -31.46 0.97
C HIS A 240 0.02 -32.73 1.14
N ASN A 241 -0.41 -33.58 2.06
CA ASN A 241 0.32 -34.80 2.41
C ASN A 241 1.77 -34.51 2.72
N GLY A 242 1.99 -33.46 3.52
CA GLY A 242 3.30 -33.08 3.98
C GLY A 242 4.17 -32.32 3.00
N LYS A 243 3.69 -32.08 1.78
CA LYS A 243 4.45 -31.36 0.76
C LYS A 243 3.99 -29.90 0.75
N LEU A 244 4.96 -28.99 0.76
CA LEU A 244 4.65 -27.57 0.70
C LEU A 244 4.12 -27.22 -0.68
N ILE A 245 2.85 -26.85 -0.77
CA ILE A 245 2.24 -26.54 -2.07
C ILE A 245 1.87 -25.08 -2.23
N ALA A 246 1.92 -24.28 -1.17
CA ALA A 246 1.66 -22.86 -1.33
C ALA A 246 2.19 -22.14 -0.10
N LEU A 247 2.43 -20.86 -0.29
CA LEU A 247 2.98 -19.99 0.76
C LEU A 247 2.33 -18.62 0.63
N SER A 248 1.61 -18.22 1.67
CA SER A 248 1.02 -16.90 1.76
C SER A 248 1.89 -16.06 2.68
N VAL A 249 2.23 -14.85 2.24
CA VAL A 249 3.00 -13.92 3.04
C VAL A 249 2.05 -12.80 3.45
N LEU A 250 1.83 -12.65 4.75
CA LEU A 250 0.78 -11.81 5.30
C LEU A 250 1.32 -10.93 6.41
N ASP A 251 0.83 -9.71 6.46
CA ASP A 251 1.10 -8.77 7.54
C ASP A 251 -0.17 -8.57 8.34
N PHE A 252 -0.08 -8.85 9.64
CA PHE A 252 -1.17 -8.65 10.59
C PHE A 252 -1.06 -7.22 11.12
N LEU A 253 -2.13 -6.46 10.97
CA LEU A 253 -2.23 -5.07 11.38
C LEU A 253 -3.37 -4.94 12.38
N PRO A 254 -3.35 -3.91 13.23
CA PRO A 254 -4.51 -3.74 14.12
C PRO A 254 -5.82 -3.67 13.35
N SER A 255 -5.82 -3.09 12.16
CA SER A 255 -7.04 -2.95 11.37
C SER A 255 -7.34 -4.15 10.48
N GLY A 256 -6.50 -5.17 10.44
CA GLY A 256 -6.82 -6.28 9.56
C GLY A 256 -5.57 -7.01 9.10
N VAL A 257 -5.69 -7.59 7.91
CA VAL A 257 -4.61 -8.39 7.33
C VAL A 257 -4.27 -7.84 5.96
N SER A 258 -2.99 -7.70 5.67
CA SER A 258 -2.51 -7.31 4.35
C SER A 258 -1.81 -8.48 3.66
N SER A 259 -2.25 -8.78 2.43
CA SER A 259 -1.60 -9.80 1.62
C SER A 259 -0.35 -9.21 0.96
N VAL A 260 0.81 -9.76 1.30
CA VAL A 260 2.05 -9.29 0.70
C VAL A 260 2.29 -9.99 -0.64
N TYR A 261 2.14 -11.31 -0.67
CA TYR A 261 2.39 -12.10 -1.86
C TYR A 261 1.82 -13.49 -1.62
N PHE A 262 1.54 -14.20 -2.71
CA PHE A 262 1.08 -15.57 -2.59
C PHE A 262 1.73 -16.40 -3.69
N ILE A 263 2.35 -17.51 -3.32
CA ILE A 263 2.97 -18.40 -4.31
C ILE A 263 2.37 -19.77 -4.14
N TRP A 264 2.37 -20.55 -5.22
CA TRP A 264 1.84 -21.90 -5.15
C TRP A 264 2.48 -22.80 -6.19
N ASP A 265 2.35 -24.10 -5.96
CA ASP A 265 2.99 -25.14 -6.77
C ASP A 265 2.28 -25.24 -8.13
N PRO A 266 2.95 -24.93 -9.23
CA PRO A 266 2.26 -24.94 -10.53
C PRO A 266 1.54 -26.23 -10.87
N ASP A 267 1.96 -27.37 -10.29
CA ASP A 267 1.22 -28.60 -10.54
C ASP A 267 -0.21 -28.54 -10.01
N TYR A 268 -0.47 -27.60 -9.10
CA TYR A 268 -1.78 -27.49 -8.44
C TYR A 268 -2.65 -26.42 -9.09
N TYR A 269 -2.42 -26.14 -10.37
CA TYR A 269 -3.24 -25.13 -11.06
C TYR A 269 -4.72 -25.46 -10.95
N ASP A 270 -5.06 -26.75 -10.88
CA ASP A 270 -6.47 -27.12 -10.86
C ASP A 270 -7.16 -26.79 -9.53
N TRP A 271 -6.40 -26.36 -8.50
CA TRP A 271 -6.96 -26.06 -7.19
C TRP A 271 -7.39 -24.60 -7.04
N SER A 272 -7.10 -23.75 -8.01
CA SER A 272 -7.47 -22.33 -7.97
C SER A 272 -7.02 -21.69 -6.65
N LEU A 273 -5.76 -21.92 -6.30
CA LEU A 273 -5.28 -21.52 -4.98
C LEU A 273 -5.28 -20.00 -4.80
N GLY A 274 -5.21 -19.23 -5.88
CA GLY A 274 -5.30 -17.79 -5.74
C GLY A 274 -6.64 -17.34 -5.19
N LYS A 275 -7.72 -17.93 -5.69
CA LYS A 275 -9.04 -17.56 -5.19
C LYS A 275 -9.28 -18.14 -3.81
N VAL A 276 -8.86 -19.39 -3.60
CA VAL A 276 -9.12 -20.05 -2.33
C VAL A 276 -8.39 -19.34 -1.19
N SER A 277 -7.14 -18.95 -1.44
CA SER A 277 -6.35 -18.31 -0.38
C SER A 277 -6.94 -16.96 0.00
N ALA A 278 -7.39 -16.18 -0.99
CA ALA A 278 -8.05 -14.91 -0.71
C ALA A 278 -9.29 -15.10 0.16
N LEU A 279 -10.10 -16.12 -0.14
CA LEU A 279 -11.30 -16.39 0.63
C LEU A 279 -10.95 -16.87 2.03
N ARG A 280 -9.93 -17.72 2.14
CA ARG A 280 -9.52 -18.14 3.47
C ARG A 280 -9.09 -16.95 4.29
N GLU A 281 -8.39 -15.99 3.67
CA GLU A 281 -7.90 -14.83 4.41
C GLU A 281 -9.03 -13.87 4.77
N LEU A 282 -10.06 -13.77 3.93
CA LEU A 282 -11.27 -13.05 4.32
C LEU A 282 -11.94 -13.71 5.51
N ALA A 283 -12.02 -15.05 5.51
CA ALA A 283 -12.57 -15.74 6.67
C ALA A 283 -11.73 -15.48 7.92
N LEU A 284 -10.42 -15.53 7.76
CA LEU A 284 -9.51 -15.25 8.87
C LEU A 284 -9.77 -13.85 9.46
N VAL A 285 -9.85 -12.84 8.59
CA VAL A 285 -10.06 -11.47 9.09
C VAL A 285 -11.36 -11.41 9.88
N SER A 286 -12.40 -12.08 9.39
CA SER A 286 -13.68 -12.08 10.10
C SER A 286 -13.55 -12.78 11.45
N LYS A 287 -12.92 -13.96 11.47
CA LYS A 287 -12.80 -14.74 12.70
C LYS A 287 -11.94 -14.05 13.76
N ILE A 288 -10.87 -13.35 13.37
CA ILE A 288 -10.08 -12.64 14.38
C ILE A 288 -10.68 -11.30 14.76
N GLY A 289 -11.82 -10.94 14.21
CA GLY A 289 -12.52 -9.72 14.61
C GLY A 289 -11.85 -8.42 14.23
N ARG A 290 -11.13 -8.36 13.11
CA ARG A 290 -10.59 -7.10 12.61
C ARG A 290 -11.34 -6.70 11.33
N PRO A 291 -11.32 -5.42 10.97
CA PRO A 291 -12.29 -4.95 9.98
C PRO A 291 -11.92 -5.08 8.51
N TYR A 292 -10.64 -5.20 8.15
CA TYR A 292 -10.25 -5.06 6.74
C TYR A 292 -9.22 -6.09 6.26
N TYR A 293 -9.34 -6.40 4.98
CA TYR A 293 -8.42 -7.26 4.23
C TYR A 293 -7.86 -6.40 3.11
N TYR A 294 -6.55 -6.25 3.07
CA TYR A 294 -5.86 -5.33 2.17
C TYR A 294 -5.16 -6.13 1.08
N LEU A 295 -5.57 -5.97 -0.17
CA LEU A 295 -4.98 -6.72 -1.28
C LEU A 295 -3.91 -5.93 -2.02
N GLY A 296 -3.56 -4.74 -1.56
CA GLY A 296 -2.49 -3.98 -2.18
C GLY A 296 -3.06 -2.90 -3.10
N TYR A 297 -2.53 -2.83 -4.31
CA TYR A 297 -2.97 -1.80 -5.24
C TYR A 297 -3.96 -2.35 -6.28
N TYR A 298 -4.96 -1.54 -6.59
CA TYR A 298 -5.91 -1.83 -7.65
C TYR A 298 -5.57 -0.94 -8.84
N ILE A 299 -5.53 -1.52 -10.03
CA ILE A 299 -5.38 -0.74 -11.27
C ILE A 299 -6.51 -1.16 -12.18
N ASP A 300 -7.38 -0.22 -12.54
CA ASP A 300 -8.62 -0.59 -13.22
C ASP A 300 -8.36 -1.24 -14.56
N ASP A 301 -7.34 -0.77 -15.30
CA ASP A 301 -7.10 -1.29 -16.64
C ASP A 301 -6.04 -2.41 -16.68
N CYS A 302 -5.70 -3.03 -15.54
CA CYS A 302 -4.74 -4.14 -15.49
C CYS A 302 -5.35 -5.42 -14.95
N PRO A 303 -5.54 -6.46 -15.77
CA PRO A 303 -6.22 -7.69 -15.30
C PRO A 303 -5.58 -8.33 -14.09
N LYS A 304 -4.26 -8.31 -14.05
CA LYS A 304 -3.51 -8.91 -12.95
C LYS A 304 -3.64 -8.12 -11.66
N MET A 305 -4.21 -6.92 -11.70
CA MET A 305 -4.51 -6.17 -10.47
C MET A 305 -6.00 -5.87 -10.29
N ASN A 306 -6.78 -5.86 -11.34
CA ASN A 306 -8.19 -5.56 -11.15
C ASN A 306 -9.02 -6.78 -10.74
N TYR A 307 -8.43 -7.98 -10.74
CA TYR A 307 -9.15 -9.14 -10.21
C TYR A 307 -9.50 -8.93 -8.74
N LYS A 308 -8.75 -8.06 -8.03
CA LYS A 308 -8.99 -7.79 -6.62
C LYS A 308 -10.41 -7.29 -6.38
N ALA A 309 -11.01 -6.67 -7.39
CA ALA A 309 -12.36 -6.16 -7.25
C ALA A 309 -13.40 -7.28 -7.08
N LYS A 310 -13.07 -8.52 -7.46
CA LYS A 310 -14.00 -9.61 -7.24
C LYS A 310 -14.31 -9.80 -5.76
N PHE A 311 -13.44 -9.29 -4.89
CA PHE A 311 -13.63 -9.41 -3.44
C PHE A 311 -14.22 -8.14 -2.86
N GLY A 312 -14.58 -7.19 -3.72
CA GLY A 312 -15.36 -6.00 -3.33
C GLY A 312 -14.46 -4.95 -2.71
N GLY A 313 -15.10 -3.88 -2.19
CA GLY A 313 -14.45 -3.04 -1.21
C GLY A 313 -14.41 -1.57 -1.60
N GLU A 314 -13.40 -0.90 -1.05
CA GLU A 314 -13.28 0.54 -1.11
C GLU A 314 -11.83 0.93 -1.41
N ILE A 315 -11.72 2.11 -1.99
CA ILE A 315 -10.51 2.67 -2.58
C ILE A 315 -10.10 3.91 -1.82
N LEU A 316 -8.80 4.10 -1.60
CA LEU A 316 -8.33 5.26 -0.85
C LEU A 316 -8.21 6.47 -1.77
N ASP A 317 -8.85 7.56 -1.39
CA ASP A 317 -8.62 8.86 -2.04
C ASP A 317 -7.51 9.54 -1.23
N VAL A 318 -6.28 9.52 -1.74
CA VAL A 318 -5.12 9.98 -0.96
C VAL A 318 -5.16 11.48 -0.72
N CYS A 319 -5.87 12.24 -1.55
CA CYS A 319 -5.96 13.69 -1.37
C CYS A 319 -6.89 14.05 -0.21
N ASN A 320 -7.93 13.25 0.02
CA ASN A 320 -8.87 13.46 1.11
C ASN A 320 -8.56 12.59 2.32
N GLN A 321 -7.63 11.65 2.19
CA GLN A 321 -7.33 10.66 3.22
C GLN A 321 -8.61 9.98 3.71
N LYS A 322 -9.45 9.56 2.77
CA LYS A 322 -10.65 8.82 3.11
C LYS A 322 -10.92 7.83 1.98
N TYR A 323 -11.58 6.73 2.33
CA TYR A 323 -11.94 5.69 1.37
C TYR A 323 -13.34 5.89 0.78
N VAL A 324 -13.48 5.58 -0.49
CA VAL A 324 -14.76 5.60 -1.20
C VAL A 324 -15.05 4.19 -1.72
N PRO A 325 -16.29 3.71 -1.61
CA PRO A 325 -16.59 2.39 -2.18
C PRO A 325 -16.26 2.34 -3.67
N LEU A 326 -15.64 1.25 -4.09
CA LEU A 326 -15.28 1.10 -5.50
C LEU A 326 -16.52 1.18 -6.39
N SER A 327 -17.66 0.70 -5.89
CA SER A 327 -18.86 0.73 -6.73
C SER A 327 -19.30 2.15 -7.04
N LYS A 328 -18.96 3.10 -6.17
CA LYS A 328 -19.39 4.48 -6.38
C LYS A 328 -18.56 5.21 -7.42
N ILE A 329 -17.33 4.78 -7.71
CA ILE A 329 -16.45 5.53 -8.60
C ILE A 329 -15.93 4.71 -9.78
N HIS A 330 -16.22 3.41 -9.85
CA HIS A 330 -15.60 2.60 -10.90
C HIS A 330 -15.86 3.20 -12.28
N GLN A 331 -17.06 3.77 -12.50
CA GLN A 331 -17.42 4.25 -13.82
C GLN A 331 -16.56 5.41 -14.28
N ILE A 332 -15.99 6.19 -13.36
CA ILE A 332 -15.23 7.37 -13.71
C ILE A 332 -13.72 7.19 -13.48
N ILE A 333 -13.25 5.97 -13.17
CA ILE A 333 -11.82 5.66 -13.17
C ILE A 333 -11.47 4.56 -14.20
N LYS A 334 -12.40 4.19 -15.06
CA LYS A 334 -12.13 3.07 -15.96
C LYS A 334 -11.32 3.46 -17.21
N HIS A 335 -10.92 4.74 -17.34
CA HIS A 335 -9.93 5.13 -18.34
C HIS A 335 -8.62 5.60 -17.71
N ASN A 336 -8.27 5.02 -16.57
CA ASN A 336 -6.98 5.24 -15.92
C ASN A 336 -6.85 6.65 -15.35
N GLU A 337 -7.98 7.31 -15.10
CA GLU A 337 -7.99 8.66 -14.55
C GLU A 337 -7.64 8.68 -13.07
N LEU A 338 -7.01 9.78 -12.65
CA LEU A 338 -6.91 10.18 -11.25
C LEU A 338 -8.23 10.76 -10.75
N PHE A 339 -8.70 10.26 -9.62
CA PHE A 339 -9.91 10.73 -8.95
C PHE A 339 -9.48 11.54 -7.75
N VAL A 340 -10.03 12.75 -7.62
CA VAL A 340 -9.88 13.59 -6.45
C VAL A 340 -11.27 14.03 -6.05
N GLY A 341 -11.78 13.53 -4.92
CA GLY A 341 -13.16 13.78 -4.54
C GLY A 341 -13.42 15.19 -3.99
N LEU A 342 -14.63 15.66 -4.26
CA LEU A 342 -15.11 16.96 -3.79
C LEU A 342 -16.63 16.89 -3.75
N ASN A 343 -17.21 17.08 -2.56
CA ASN A 343 -18.67 17.01 -2.41
C ASN A 343 -19.36 18.03 -3.32
N SER A 344 -20.46 17.62 -3.97
CA SER A 344 -21.10 18.50 -4.96
C SER A 344 -21.47 19.86 -4.38
N THR A 345 -21.61 19.98 -3.07
CA THR A 345 -22.15 21.18 -2.43
C THR A 345 -21.09 22.16 -1.96
N VAL A 346 -19.82 21.93 -2.28
CA VAL A 346 -18.73 22.75 -1.79
C VAL A 346 -18.09 23.50 -2.95
N ALA A 347 -17.55 24.69 -2.65
CA ALA A 347 -17.06 25.58 -3.68
C ALA A 347 -15.92 24.93 -4.48
N SER A 348 -15.76 25.41 -5.71
CA SER A 348 -14.67 24.94 -6.55
C SER A 348 -13.35 25.20 -5.83
N PRO A 349 -12.42 24.24 -5.82
CA PRO A 349 -11.22 24.36 -4.97
C PRO A 349 -10.15 25.22 -5.64
N ASP A 350 -9.72 26.25 -4.94
CA ASP A 350 -8.61 27.06 -5.42
C ASP A 350 -7.27 26.49 -4.97
N SER A 351 -7.23 25.21 -4.58
CA SER A 351 -6.02 24.65 -3.98
C SER A 351 -6.12 23.14 -3.78
N GLU A 352 -4.94 22.53 -3.58
CA GLU A 352 -4.92 21.16 -3.14
C GLU A 352 -5.63 21.04 -1.79
N ILE A 353 -6.23 19.88 -1.56
CA ILE A 353 -7.02 19.65 -0.36
C ILE A 353 -6.15 19.63 0.89
N LEU A 354 -6.65 20.24 1.98
CA LEU A 354 -5.87 20.34 3.20
C LEU A 354 -5.83 18.99 3.91
N ILE A 355 -4.63 18.57 4.28
CA ILE A 355 -4.39 17.25 4.84
C ILE A 355 -4.05 17.29 6.32
N THR A 356 -3.43 18.36 6.81
CA THR A 356 -3.04 18.46 8.22
C THR A 356 -4.04 19.23 9.05
N SER A 357 -4.92 20.01 8.42
CA SER A 357 -5.88 20.87 9.11
C SER A 357 -7.29 20.30 9.05
N ASP A 360 -16.22 20.15 6.31
CA ASP A 360 -14.76 20.01 6.27
C ASP A 360 -14.38 18.74 5.51
N LYS A 361 -14.24 17.62 6.21
CA LYS A 361 -13.77 16.39 5.59
C LYS A 361 -14.86 15.81 4.68
N ILE A 362 -14.42 15.25 3.55
CA ILE A 362 -15.37 14.81 2.55
C ILE A 362 -16.24 13.68 3.12
N ASN A 363 -17.49 13.67 2.69
CA ASN A 363 -18.46 12.64 3.05
C ASN A 363 -18.90 11.97 1.75
N PHE A 364 -18.38 10.77 1.48
CA PHE A 364 -18.68 10.12 0.22
C PHE A 364 -20.13 9.63 0.14
N ASP A 365 -20.87 9.69 1.25
CA ASP A 365 -22.29 9.32 1.21
C ASP A 365 -23.17 10.45 0.72
N GLU A 366 -22.65 11.68 0.67
CA GLU A 366 -23.33 12.78 -0.01
C GLU A 366 -22.79 12.92 -1.43
N PRO A 367 -23.51 13.63 -2.30
CA PRO A 367 -23.04 13.77 -3.69
C PRO A 367 -21.65 14.39 -3.78
N PHE A 368 -20.90 13.93 -4.78
CA PHE A 368 -19.53 14.39 -4.98
C PHE A 368 -19.15 14.27 -6.45
N ILE A 369 -18.15 15.04 -6.86
CA ILE A 369 -17.61 14.94 -8.22
C ILE A 369 -16.12 14.68 -8.16
N ASN A 370 -15.52 14.48 -9.33
CA ASN A 370 -14.07 14.42 -9.49
C ASN A 370 -13.57 15.83 -9.80
N ALA A 371 -12.85 16.43 -8.84
CA ALA A 371 -12.27 17.74 -8.99
C ALA A 371 -10.83 17.72 -9.49
N VAL A 372 -10.40 16.61 -10.08
CA VAL A 372 -9.00 16.46 -10.47
C VAL A 372 -8.53 17.62 -11.35
N ASP A 373 -9.34 18.06 -12.32
CA ASP A 373 -8.77 19.08 -13.20
C ASP A 373 -8.77 20.48 -12.58
N ASP A 374 -9.67 20.75 -11.63
CA ASP A 374 -9.64 22.04 -10.94
C ASP A 374 -8.33 22.25 -10.20
N ILE A 375 -7.75 21.15 -9.71
CA ILE A 375 -6.60 21.18 -8.82
C ILE A 375 -5.34 20.87 -9.62
N TYR A 376 -5.33 19.73 -10.30
CA TYR A 376 -4.11 19.17 -10.90
C TYR A 376 -4.11 19.21 -12.42
N GLY A 377 -5.13 19.80 -13.04
CA GLY A 377 -5.17 19.88 -14.47
C GLY A 377 -4.19 20.90 -15.00
N PRO A 378 -4.09 20.98 -16.34
CA PRO A 378 -3.18 21.95 -16.94
C PRO A 378 -3.47 23.40 -16.59
N ASN A 379 -4.70 23.74 -16.24
CA ASN A 379 -4.98 25.08 -15.73
C ASN A 379 -5.50 25.02 -14.30
N GLY A 380 -5.10 23.97 -13.56
CA GLY A 380 -5.42 23.87 -12.15
C GLY A 380 -4.54 24.77 -11.32
N ASN A 381 -4.92 24.96 -10.05
CA ASN A 381 -4.23 25.90 -9.18
C ASN A 381 -3.02 25.30 -8.47
N ALA A 382 -2.84 23.98 -8.52
CA ALA A 382 -1.83 23.37 -7.66
C ALA A 382 -0.43 23.89 -7.97
N SER A 383 -0.07 23.96 -9.26
CA SER A 383 1.31 24.27 -9.62
C SER A 383 1.69 25.70 -9.24
N GLN A 384 0.84 26.67 -9.55
CA GLN A 384 1.15 28.04 -9.17
C GLN A 384 1.17 28.22 -7.65
N ASN A 385 0.28 27.54 -6.93
CA ASN A 385 0.33 27.65 -5.48
C ASN A 385 1.64 27.07 -4.97
N ALA A 386 2.12 25.98 -5.60
CA ALA A 386 3.33 25.33 -5.11
C ALA A 386 4.56 26.20 -5.38
N ILE A 387 4.59 26.85 -6.54
CA ILE A 387 5.73 27.67 -6.90
C ILE A 387 5.87 28.82 -5.93
N THR A 388 4.75 29.47 -5.60
CA THR A 388 4.77 30.54 -4.62
C THR A 388 5.25 30.00 -3.27
N SER A 389 4.82 28.79 -2.93
CA SER A 389 5.20 28.22 -1.65
C SER A 389 6.70 27.90 -1.59
N VAL A 390 7.29 27.45 -2.69
CA VAL A 390 8.72 27.20 -2.71
C VAL A 390 9.48 28.47 -2.34
N ALA A 391 9.05 29.61 -2.92
CA ALA A 391 9.72 30.87 -2.61
C ALA A 391 9.56 31.22 -1.13
N LYS A 392 8.39 30.97 -0.55
CA LYS A 392 8.18 31.26 0.87
C LYS A 392 8.99 30.32 1.78
N LEU A 393 9.24 29.09 1.35
CA LEU A 393 9.98 28.16 2.21
C LEU A 393 11.48 28.44 2.26
N ARG A 394 12.00 29.27 1.36
CA ARG A 394 13.43 29.62 1.41
C ARG A 394 13.84 30.29 2.70
N LYS A 395 12.99 31.18 3.26
CA LYS A 395 13.37 31.91 4.47
C LYS A 395 13.58 30.98 5.65
N TYR A 396 13.05 29.76 5.59
CA TYR A 396 13.22 28.81 6.65
C TYR A 396 14.38 27.88 6.38
N GLY A 397 15.12 28.11 5.30
CA GLY A 397 16.24 27.23 4.96
C GLY A 397 15.81 25.91 4.37
N ILE A 398 14.67 25.87 3.69
CA ILE A 398 14.23 24.66 3.00
C ILE A 398 14.68 24.75 1.54
N ASN A 399 15.41 23.74 1.09
CA ASN A 399 16.14 23.78 -0.17
C ASN A 399 15.29 23.19 -1.29
N TYR A 400 14.13 23.78 -1.55
CA TYR A 400 13.30 23.32 -2.66
C TYR A 400 13.55 24.21 -3.87
N SER A 401 13.25 23.67 -5.04
CA SER A 401 13.37 24.36 -6.32
C SER A 401 12.02 24.33 -7.02
N PRO A 402 11.62 25.43 -7.67
CA PRO A 402 10.31 25.42 -8.35
C PRO A 402 10.34 24.56 -9.60
N ASP A 403 9.26 23.81 -9.81
CA ASP A 403 9.07 23.02 -11.02
C ASP A 403 8.43 23.92 -12.08
N LEU A 404 9.23 24.47 -12.96
CA LEU A 404 8.77 25.54 -13.82
C LEU A 404 8.23 25.06 -15.17
N GLN A 405 8.25 23.76 -15.45
CA GLN A 405 7.76 23.28 -16.73
C GLN A 405 6.24 23.48 -16.86
N ARG A 406 5.80 23.75 -18.08
CA ARG A 406 4.36 23.89 -18.33
C ARG A 406 3.64 22.57 -18.06
N SER A 407 4.22 21.45 -18.48
CA SER A 407 3.55 20.17 -18.44
C SER A 407 4.15 19.27 -17.35
N ILE A 408 3.30 18.43 -16.78
CA ILE A 408 3.77 17.39 -15.87
C ILE A 408 4.36 16.18 -16.59
N TYR A 409 4.13 16.05 -17.90
CA TYR A 409 4.57 14.89 -18.68
C TYR A 409 5.87 15.18 -19.41
N LYS A 410 6.65 14.14 -19.63
CA LYS A 410 7.90 14.26 -20.37
C LYS A 410 7.61 14.23 -21.86
N GLU A 411 8.14 15.21 -22.58
CA GLU A 411 7.95 15.35 -24.02
C GLU A 411 9.28 15.09 -24.73
N ILE A 412 9.21 14.39 -25.85
CA ILE A 412 10.42 14.05 -26.59
C ILE A 412 10.99 15.28 -27.30
N LYS A 427 18.98 13.74 -13.26
CA LYS A 427 17.95 13.28 -12.34
C LYS A 427 18.45 13.22 -10.89
N ASP A 428 17.91 14.08 -10.03
CA ASP A 428 18.29 14.12 -8.63
C ASP A 428 17.30 13.26 -7.86
N VAL A 429 17.76 12.13 -7.33
CA VAL A 429 16.85 11.22 -6.65
C VAL A 429 16.34 11.73 -5.31
N TYR A 430 16.92 12.80 -4.78
CA TYR A 430 16.41 13.38 -3.53
C TYR A 430 15.39 14.47 -3.78
N ARG A 431 15.09 14.80 -5.03
CA ARG A 431 14.18 15.91 -5.36
C ARG A 431 12.78 15.39 -5.67
N ILE A 432 11.86 15.62 -4.75
CA ILE A 432 10.45 15.31 -4.93
C ILE A 432 9.80 16.45 -5.70
N PRO A 433 8.88 16.17 -6.64
CA PRO A 433 8.15 17.26 -7.31
C PRO A 433 7.40 18.10 -6.29
N ASN A 434 7.23 19.38 -6.64
CA ASN A 434 6.49 20.29 -5.79
C ASN A 434 5.09 19.76 -5.51
N VAL A 435 4.43 19.25 -6.55
CA VAL A 435 3.04 18.80 -6.49
C VAL A 435 3.00 17.27 -6.68
N VAL A 436 2.56 16.55 -5.66
CA VAL A 436 2.36 15.10 -5.74
C VAL A 436 1.08 14.78 -4.96
N PRO A 437 0.05 14.18 -5.57
CA PRO A 437 -1.18 13.92 -4.81
C PRO A 437 -0.92 13.03 -3.61
N GLY A 438 -1.50 13.43 -2.47
CA GLY A 438 -1.38 12.65 -1.26
C GLY A 438 -0.15 12.97 -0.44
N LEU A 439 0.79 13.75 -0.95
CA LEU A 439 1.80 14.37 -0.08
C LEU A 439 1.26 15.69 0.45
N VAL A 440 1.72 16.07 1.64
CA VAL A 440 1.25 17.35 2.19
C VAL A 440 1.59 18.44 1.20
N PRO A 441 0.63 19.26 0.76
CA PRO A 441 0.96 20.30 -0.21
C PRO A 441 1.94 21.33 0.37
N LEU A 442 2.76 21.90 -0.52
CA LEU A 442 3.73 22.88 -0.06
C LEU A 442 3.05 24.07 0.61
N MET A 443 1.84 24.41 0.16
CA MET A 443 1.13 25.55 0.75
C MET A 443 0.81 25.24 2.21
N GLU A 444 0.53 23.98 2.49
CA GLU A 444 0.27 23.57 3.87
C GLU A 444 1.56 23.49 4.67
N ILE A 445 2.66 23.06 4.04
CA ILE A 445 3.95 23.12 4.75
C ILE A 445 4.25 24.56 5.16
N VAL A 446 4.00 25.53 4.27
CA VAL A 446 4.15 26.93 4.64
C VAL A 446 3.33 27.26 5.88
N SER A 447 2.07 26.83 5.90
CA SER A 447 1.19 27.12 7.04
C SER A 447 1.75 26.51 8.33
N LEU A 448 2.33 25.31 8.24
CA LEU A 448 2.90 24.70 9.44
C LEU A 448 4.04 25.54 10.00
N PHE A 449 4.89 26.08 9.12
CA PHE A 449 5.97 26.98 9.54
C PHE A 449 5.43 28.28 10.12
N GLU A 450 4.49 28.93 9.41
CA GLU A 450 3.98 30.24 9.85
C GLU A 450 3.26 30.15 11.19
N SER A 451 2.58 29.04 11.46
CA SER A 451 1.82 28.90 12.69
C SER A 451 2.68 28.43 13.87
N GLY A 452 3.93 28.10 13.65
CA GLY A 452 4.77 27.54 14.70
C GLY A 452 4.66 26.04 14.88
N LYS A 453 3.83 25.36 14.08
CA LYS A 453 3.63 23.95 14.30
C LYS A 453 4.87 23.11 13.98
N MET A 454 5.77 23.59 13.11
CA MET A 454 7.02 22.88 12.83
C MET A 454 7.90 22.76 14.10
N ASN A 455 7.78 23.72 15.00
CA ASN A 455 8.51 23.65 16.26
C ASN A 455 8.01 22.53 17.15
N GLU A 456 6.88 21.91 16.82
CA GLU A 456 6.46 20.71 17.53
C GLU A 456 7.39 19.53 17.31
N LEU A 457 8.29 19.62 16.33
CA LEU A 457 9.31 18.60 16.12
C LEU A 457 10.32 18.60 17.25
N ASN A 458 10.52 19.73 17.89
CA ASN A 458 11.57 19.85 18.89
C ASN A 458 11.28 18.96 20.09
N ASN A 459 12.32 18.28 20.55
CA ASN A 459 12.25 17.27 21.60
C ASN A 459 11.49 16.02 21.18
N ASN A 460 11.15 15.89 19.90
CA ASN A 460 10.41 14.72 19.44
C ASN A 460 11.15 13.95 18.36
N VAL A 461 11.40 14.58 17.21
CA VAL A 461 12.04 13.88 16.10
C VAL A 461 13.50 13.63 16.46
N VAL A 462 14.01 12.46 16.04
CA VAL A 462 15.38 12.05 16.30
C VAL A 462 16.10 11.84 14.97
N LEU A 463 17.38 12.17 14.94
CA LEU A 463 18.24 11.90 13.80
C LEU A 463 19.29 10.86 14.16
N PHE A 464 19.62 9.98 13.21
CA PHE A 464 20.87 9.21 13.29
C PHE A 464 21.79 10.00 12.39
N ASP A 465 22.68 10.74 13.04
CA ASP A 465 23.54 11.73 12.38
C ASP A 465 24.78 10.96 11.97
N THR A 466 24.93 10.74 10.67
CA THR A 466 25.96 9.80 10.22
C THR A 466 27.36 10.40 10.34
N LYS A 467 27.47 11.72 10.31
CA LYS A 467 28.78 12.34 10.55
C LYS A 467 29.26 12.08 11.97
N ILE A 468 28.42 12.39 12.96
CA ILE A 468 28.75 12.07 14.35
C ILE A 468 28.71 10.57 14.60
N ASN A 469 27.89 9.84 13.84
CA ASN A 469 27.70 8.39 14.03
C ASN A 469 26.96 8.08 15.33
N ALA A 470 25.93 8.85 15.64
CA ALA A 470 25.19 8.70 16.89
C ALA A 470 23.79 9.26 16.69
N LEU A 471 22.86 8.78 17.53
CA LEU A 471 21.53 9.33 17.65
C LEU A 471 21.55 10.66 18.37
N ARG A 472 20.72 11.60 17.94
CA ARG A 472 20.51 12.79 18.76
C ARG A 472 19.09 13.28 18.55
N ILE A 473 18.49 13.74 19.63
CA ILE A 473 17.15 14.32 19.58
C ILE A 473 17.27 15.74 19.06
N VAL A 474 16.43 16.09 18.08
CA VAL A 474 16.42 17.47 17.60
C VAL A 474 15.86 18.37 18.69
N ARG A 475 16.59 19.44 18.99
CA ARG A 475 16.25 20.38 20.03
C ARG A 475 15.87 21.75 19.49
N ASP A 476 16.40 22.15 18.33
CA ASP A 476 16.10 23.47 17.73
C ASP A 476 16.10 23.25 16.21
N PHE A 477 14.95 22.82 15.72
CA PHE A 477 14.81 22.44 14.32
C PHE A 477 15.23 23.57 13.39
N ILE A 478 14.82 24.80 13.68
CA ILE A 478 15.03 25.87 12.70
C ILE A 478 16.51 26.20 12.57
N SER A 479 17.31 25.85 13.59
CA SER A 479 18.76 26.03 13.59
C SER A 479 19.52 24.87 12.95
N GLU A 480 18.87 23.78 12.62
CA GLU A 480 19.57 22.71 11.91
C GLU A 480 20.02 23.21 10.53
N LYS A 481 20.96 22.47 9.95
CA LYS A 481 21.45 22.81 8.62
C LYS A 481 20.33 22.63 7.58
N PRO A 482 20.32 23.44 6.52
CA PRO A 482 19.26 23.32 5.50
C PRO A 482 19.09 21.92 4.94
N GLU A 483 20.18 21.20 4.73
CA GLU A 483 20.06 19.86 4.17
C GLU A 483 19.24 18.95 5.08
N ILE A 484 19.45 19.06 6.39
CA ILE A 484 18.69 18.28 7.37
C ILE A 484 17.24 18.76 7.43
N LYS A 485 17.02 20.09 7.46
CA LYS A 485 15.66 20.59 7.55
C LYS A 485 14.86 20.19 6.31
N THR A 486 15.52 20.13 5.16
CA THR A 486 14.82 19.78 3.92
C THR A 486 14.43 18.30 3.91
N VAL A 487 15.32 17.44 4.38
CA VAL A 487 14.98 16.03 4.52
C VAL A 487 13.80 15.85 5.48
N ILE A 488 13.85 16.52 6.64
CA ILE A 488 12.77 16.34 7.61
C ILE A 488 11.45 16.81 7.02
N THR A 489 11.49 17.91 6.27
CA THR A 489 10.26 18.44 5.68
C THR A 489 9.67 17.48 4.63
N ASP A 490 10.54 16.81 3.86
CA ASP A 490 10.07 15.80 2.92
C ASP A 490 9.49 14.57 3.60
N VAL A 491 10.04 14.18 4.76
CA VAL A 491 9.42 13.11 5.55
C VAL A 491 8.05 13.55 6.02
N ILE A 492 7.93 14.81 6.46
CA ILE A 492 6.62 15.31 6.85
C ILE A 492 5.66 15.27 5.66
N ARG A 493 6.13 15.66 4.48
CA ARG A 493 5.22 15.62 3.33
C ARG A 493 4.69 14.20 3.12
N LEU A 494 5.53 13.18 3.37
CA LEU A 494 5.17 11.80 3.08
C LEU A 494 4.28 11.19 4.16
N ILE A 495 4.59 11.41 5.44
CA ILE A 495 3.91 10.69 6.50
C ILE A 495 3.17 11.60 7.47
N GLY A 496 3.31 12.91 7.31
CA GLY A 496 2.65 13.88 8.16
C GLY A 496 3.44 14.23 9.41
N LEU A 497 3.04 15.33 10.05
CA LEU A 497 3.82 15.88 11.16
C LEU A 497 3.76 14.95 12.36
N ASP A 498 2.58 14.47 12.69
CA ASP A 498 2.48 13.68 13.90
C ASP A 498 3.28 12.39 13.81
N ASN A 499 3.29 11.74 12.64
CA ASN A 499 4.07 10.51 12.53
C ASN A 499 5.59 10.80 12.56
N THR A 500 6.00 11.96 12.05
CA THR A 500 7.41 12.32 12.04
C THR A 500 7.94 12.59 13.44
N LYS A 501 7.06 12.95 14.37
CA LYS A 501 7.50 13.16 15.75
C LYS A 501 7.97 11.86 16.40
N LYS A 502 7.62 10.68 15.86
CA LYS A 502 8.11 9.38 16.36
C LYS A 502 9.09 8.73 15.42
N ALA A 503 9.68 9.50 14.53
CA ALA A 503 10.66 8.97 13.60
C ALA A 503 12.07 9.15 14.10
N ILE A 504 12.92 8.23 13.69
CA ILE A 504 14.36 8.39 13.67
C ILE A 504 14.76 8.39 12.21
N ILE A 505 15.31 9.51 11.75
CA ILE A 505 15.67 9.71 10.35
C ILE A 505 17.19 9.63 10.24
N ILE A 506 17.66 8.74 9.37
CA ILE A 506 19.08 8.54 9.14
C ILE A 506 19.54 9.59 8.14
N ILE A 507 20.47 10.46 8.55
CA ILE A 507 20.98 11.47 7.63
C ILE A 507 22.51 11.60 7.78
ZN ZN B . 2.23 1.51 -16.21
#